data_5POI
#
_entry.id   5POI
#
_cell.length_a   56.114
_cell.length_b   56.589
_cell.length_c   101.620
_cell.angle_alpha   90.000
_cell.angle_beta   90.000
_cell.angle_gamma   90.000
#
_symmetry.space_group_name_H-M   'P 21 21 21'
#
loop_
_entity.id
_entity.type
_entity.pdbx_description
1 polymer 'Bromodomain-containing protein 1'
2 non-polymer 1,2-ETHANEDIOL
3 non-polymer N-methylpyrimidine-2-carboxamide
4 non-polymer 'SODIUM ION'
5 water water
#
_entity_poly.entity_id   1
_entity_poly.type   'polypeptide(L)'
_entity_poly.pdbx_seq_one_letter_code
;MHHHHHHSSGVDLGTENLYFQSMEQVAMELRLTELTRLLRSVLDQLQDKDPARIFAQPVSLKEVPDYLDHIKHPMDFATM
RKRLEAQGYKNLHEFEEDFDLIIDNCMKYNARDTVFYRAAVRLRDQGGVVLRQARREVDSIGLEEASGMHLPERPA
;
_entity_poly.pdbx_strand_id   A,B
#
loop_
_chem_comp.id
_chem_comp.type
_chem_comp.name
_chem_comp.formula
8RY non-polymer N-methylpyrimidine-2-carboxamide 'C6 H7 N3 O'
EDO non-polymer 1,2-ETHANEDIOL 'C2 H6 O2'
NA non-polymer 'SODIUM ION' 'Na 1'
#
# COMPACT_ATOMS: atom_id res chain seq x y z
N SER A 22 -3.00 36.73 8.91
CA SER A 22 -3.27 36.64 7.48
C SER A 22 -4.72 36.25 7.21
N MET A 23 -5.33 36.97 6.27
CA MET A 23 -6.70 36.75 5.87
CA MET A 23 -6.71 36.75 5.87
C MET A 23 -6.83 35.51 4.98
N GLU A 24 -5.76 35.23 4.24
CA GLU A 24 -5.73 34.07 3.34
C GLU A 24 -5.65 32.75 4.13
N GLN A 25 -4.96 32.79 5.27
CA GLN A 25 -4.78 31.59 6.07
C GLN A 25 -6.02 31.29 6.90
N VAL A 26 -6.89 32.30 7.11
CA VAL A 26 -8.23 32.10 7.69
C VAL A 26 -9.18 31.40 6.72
N ALA A 27 -9.18 31.87 5.48
CA ALA A 27 -9.99 31.29 4.41
C ALA A 27 -9.53 29.85 4.13
N MET A 28 -8.21 29.62 4.23
CA MET A 28 -7.66 28.26 4.15
C MET A 28 -8.22 27.37 5.26
N GLU A 29 -8.14 27.89 6.48
CA GLU A 29 -8.64 27.18 7.65
C GLU A 29 -10.14 27.01 7.57
N LEU A 30 -10.81 27.85 6.77
CA LEU A 30 -12.25 27.71 6.57
C LEU A 30 -12.54 26.53 5.63
N ARG A 31 -11.67 26.35 4.64
CA ARG A 31 -11.77 25.20 3.73
C ARG A 31 -11.39 23.91 4.46
N LEU A 32 -10.18 23.86 5.03
CA LEU A 32 -9.74 22.71 5.83
C LEU A 32 -10.81 22.30 6.85
N THR A 33 -11.41 23.29 7.50
CA THR A 33 -12.50 23.03 8.44
C THR A 33 -13.67 22.36 7.75
N GLU A 34 -13.93 22.75 6.51
CA GLU A 34 -15.09 22.25 5.79
C GLU A 34 -14.81 20.90 5.11
N LEU A 35 -13.58 20.72 4.65
CA LEU A 35 -13.10 19.40 4.25
C LEU A 35 -13.33 18.43 5.39
N THR A 36 -12.93 18.84 6.59
CA THR A 36 -13.15 18.07 7.80
C THR A 36 -14.64 17.80 8.00
N ARG A 37 -15.48 18.76 7.64
CA ARG A 37 -16.92 18.62 7.83
C ARG A 37 -17.46 17.54 6.90
N LEU A 38 -17.03 17.60 5.64
CA LEU A 38 -17.44 16.62 4.64
C LEU A 38 -16.91 15.23 4.99
N LEU A 39 -15.61 15.15 5.32
CA LEU A 39 -14.97 13.88 5.62
C LEU A 39 -15.60 13.17 6.81
N ARG A 40 -16.06 13.94 7.80
CA ARG A 40 -16.69 13.37 8.98
C ARG A 40 -17.98 12.62 8.62
N SER A 41 -18.72 13.17 7.66
CA SER A 41 -19.95 12.57 7.18
C SER A 41 -19.63 11.28 6.41
N VAL A 42 -18.61 11.37 5.56
CA VAL A 42 -18.07 10.20 4.89
C VAL A 42 -17.67 9.12 5.89
N LEU A 43 -16.94 9.52 6.93
CA LEU A 43 -16.49 8.55 7.91
C LEU A 43 -17.68 7.83 8.52
N ASP A 44 -18.70 8.61 8.88
CA ASP A 44 -19.90 8.03 9.47
C ASP A 44 -20.59 7.06 8.51
N GLN A 45 -20.62 7.41 7.23
CA GLN A 45 -21.24 6.54 6.24
C GLN A 45 -20.47 5.23 6.08
N LEU A 46 -19.15 5.33 5.95
CA LEU A 46 -18.30 4.14 5.85
C LEU A 46 -18.49 3.22 7.06
N GLN A 47 -18.48 3.82 8.24
CA GLN A 47 -18.59 3.06 9.48
C GLN A 47 -19.95 2.36 9.61
N ASP A 48 -21.01 2.99 9.12
CA ASP A 48 -22.35 2.39 9.14
C ASP A 48 -22.36 1.06 8.41
N LYS A 49 -21.49 0.96 7.40
CA LYS A 49 -21.34 -0.26 6.62
C LYS A 49 -20.55 -1.34 7.38
N ASP A 50 -20.16 -1.03 8.61
CA ASP A 50 -19.52 -1.99 9.52
C ASP A 50 -20.35 -2.15 10.79
N PRO A 51 -21.54 -2.75 10.67
CA PRO A 51 -22.46 -2.79 11.81
C PRO A 51 -21.96 -3.74 12.88
N ALA A 52 -21.11 -4.69 12.50
CA ALA A 52 -20.53 -5.63 13.46
C ALA A 52 -19.40 -5.01 14.27
N ARG A 53 -19.00 -3.79 13.88
CA ARG A 53 -17.96 -3.04 14.56
C ARG A 53 -16.62 -3.79 14.65
N ILE A 54 -16.37 -4.59 13.61
CA ILE A 54 -15.12 -5.30 13.44
C ILE A 54 -13.95 -4.33 13.27
N PHE A 55 -14.20 -3.17 12.66
CA PHE A 55 -13.13 -2.21 12.38
C PHE A 55 -13.17 -0.91 13.19
N ALA A 56 -13.91 -0.92 14.30
CA ALA A 56 -14.16 0.28 15.09
C ALA A 56 -13.01 0.72 15.97
N GLN A 57 -12.23 -0.24 16.46
CA GLN A 57 -11.14 0.06 17.38
C GLN A 57 -9.87 -0.64 16.89
N PRO A 58 -8.70 -0.19 17.36
CA PRO A 58 -7.47 -0.89 16.96
C PRO A 58 -7.55 -2.36 17.31
N VAL A 59 -6.89 -3.20 16.53
CA VAL A 59 -6.71 -4.60 16.89
C VAL A 59 -5.94 -4.67 18.20
N SER A 60 -6.48 -5.42 19.15
CA SER A 60 -5.92 -5.48 20.50
C SER A 60 -4.58 -6.19 20.53
N LEU A 61 -3.56 -5.50 21.05
CA LEU A 61 -2.24 -6.08 21.12
C LEU A 61 -2.14 -6.98 22.34
N LYS A 62 -3.13 -6.89 23.22
CA LYS A 62 -3.25 -7.86 24.28
C LYS A 62 -3.91 -9.14 23.76
N GLU A 63 -4.87 -8.99 22.86
CA GLU A 63 -5.60 -10.13 22.32
C GLU A 63 -4.93 -10.75 21.08
N VAL A 64 -4.15 -9.94 20.36
CA VAL A 64 -3.35 -10.44 19.26
C VAL A 64 -1.92 -9.91 19.39
N PRO A 65 -1.18 -10.45 20.36
CA PRO A 65 0.17 -9.94 20.68
C PRO A 65 1.11 -9.87 19.48
N ASP A 66 1.00 -10.76 18.50
CA ASP A 66 1.94 -10.79 17.39
C ASP A 66 1.49 -9.94 16.21
N TYR A 67 0.42 -9.17 16.40
CA TYR A 67 -0.20 -8.45 15.29
C TYR A 67 0.79 -7.55 14.55
N LEU A 68 1.65 -6.86 15.29
CA LEU A 68 2.59 -5.92 14.69
C LEU A 68 3.73 -6.62 13.94
N ASP A 69 3.92 -7.91 14.19
CA ASP A 69 4.86 -8.67 13.36
C ASP A 69 4.27 -8.91 11.98
N HIS A 70 2.95 -8.78 11.86
CA HIS A 70 2.28 -9.06 10.57
C HIS A 70 1.92 -7.80 9.82
N ILE A 71 1.38 -6.83 10.54
CA ILE A 71 0.86 -5.61 9.94
C ILE A 71 1.69 -4.44 10.41
N LYS A 72 2.34 -3.75 9.48
CA LYS A 72 3.27 -2.69 9.87
C LYS A 72 2.55 -1.36 10.11
N HIS A 73 1.39 -1.20 9.51
CA HIS A 73 0.66 0.04 9.69
C HIS A 73 -0.82 -0.20 10.02
N PRO A 74 -1.10 -0.50 11.29
CA PRO A 74 -2.47 -0.73 11.76
C PRO A 74 -3.31 0.50 11.50
N MET A 75 -4.58 0.29 11.16
CA MET A 75 -5.50 1.39 11.01
C MET A 75 -6.89 0.93 11.46
N ASP A 76 -7.70 1.86 11.94
CA ASP A 76 -9.05 1.54 12.39
C ASP A 76 -9.88 2.82 12.40
N PHE A 77 -11.20 2.68 12.52
CA PHE A 77 -12.13 3.80 12.44
C PHE A 77 -11.93 4.83 13.55
N ALA A 78 -11.68 4.37 14.77
CA ALA A 78 -11.48 5.31 15.87
C ALA A 78 -10.22 6.16 15.64
N THR A 79 -9.16 5.52 15.17
CA THR A 79 -7.90 6.21 14.92
C THR A 79 -8.07 7.23 13.80
N MET A 80 -8.76 6.84 12.73
CA MET A 80 -9.13 7.76 11.65
C MET A 80 -9.90 8.96 12.18
N ARG A 81 -10.78 8.72 13.14
CA ARG A 81 -11.63 9.77 13.68
C ARG A 81 -10.81 10.78 14.50
N LYS A 82 -9.81 10.31 15.23
CA LYS A 82 -8.97 11.21 16.03
C LYS A 82 -8.19 12.15 15.12
N ARG A 83 -7.63 11.58 14.06
CA ARG A 83 -6.91 12.36 13.06
C ARG A 83 -7.84 13.38 12.39
N LEU A 84 -8.99 12.89 11.93
CA LEU A 84 -10.04 13.73 11.37
C LEU A 84 -10.38 14.97 12.22
N GLU A 85 -10.51 14.76 13.52
CA GLU A 85 -10.89 15.83 14.42
C GLU A 85 -9.71 16.75 14.72
N ALA A 86 -8.50 16.24 14.50
CA ALA A 86 -7.30 17.06 14.58
C ALA A 86 -7.03 17.77 13.25
N GLN A 87 -8.02 17.73 12.35
CA GLN A 87 -7.89 18.23 10.97
C GLN A 87 -6.59 17.74 10.35
N GLY A 88 -6.27 16.48 10.59
CA GLY A 88 -5.05 15.85 10.10
C GLY A 88 -5.12 15.33 8.68
N TYR A 89 -6.30 15.40 8.07
CA TYR A 89 -6.41 15.00 6.68
C TYR A 89 -6.37 16.21 5.75
N LYS A 90 -5.35 16.28 4.88
CA LYS A 90 -5.19 17.44 4.01
C LYS A 90 -6.13 17.35 2.81
N ASN A 91 -6.42 16.13 2.38
CA ASN A 91 -7.27 15.89 1.21
C ASN A 91 -7.99 14.55 1.30
N LEU A 92 -8.90 14.30 0.35
CA LEU A 92 -9.59 13.02 0.29
C LEU A 92 -8.63 11.84 0.14
N HIS A 93 -7.58 12.02 -0.65
CA HIS A 93 -6.64 10.93 -0.88
C HIS A 93 -6.05 10.38 0.43
N GLU A 94 -5.52 11.25 1.27
CA GLU A 94 -4.98 10.86 2.57
C GLU A 94 -5.99 10.07 3.39
N PHE A 95 -7.24 10.53 3.36
CA PHE A 95 -8.35 9.87 4.06
C PHE A 95 -8.61 8.49 3.46
N GLU A 96 -8.67 8.41 2.13
CA GLU A 96 -8.88 7.15 1.45
C GLU A 96 -7.74 6.16 1.71
N GLU A 97 -6.52 6.68 1.81
N GLU A 97 -6.52 6.65 1.86
CA GLU A 97 -5.35 5.87 2.12
CA GLU A 97 -5.41 5.71 2.06
C GLU A 97 -5.56 5.06 3.39
C GLU A 97 -5.47 5.06 3.45
N ASP A 98 -6.08 5.74 4.41
CA ASP A 98 -6.30 5.14 5.72
C ASP A 98 -7.43 4.12 5.66
N PHE A 99 -8.45 4.41 4.86
CA PHE A 99 -9.57 3.49 4.72
C PHE A 99 -9.12 2.17 4.10
N ASP A 100 -8.37 2.28 3.02
CA ASP A 100 -7.75 1.13 2.38
C ASP A 100 -6.85 0.33 3.32
N LEU A 101 -6.11 1.01 4.19
CA LEU A 101 -5.27 0.31 5.18
C LEU A 101 -6.09 -0.67 5.99
N ILE A 102 -7.22 -0.19 6.55
CA ILE A 102 -8.13 -1.01 7.34
C ILE A 102 -8.52 -2.29 6.58
N ILE A 103 -8.85 -2.13 5.31
CA ILE A 103 -9.32 -3.23 4.48
CA ILE A 103 -9.32 -3.25 4.50
C ILE A 103 -8.17 -4.18 4.12
N ASP A 104 -7.08 -3.60 3.60
CA ASP A 104 -5.93 -4.37 3.15
C ASP A 104 -5.24 -5.08 4.31
N ASN A 105 -5.13 -4.42 5.47
CA ASN A 105 -4.56 -5.10 6.63
C ASN A 105 -5.35 -6.34 6.95
N CYS A 106 -6.67 -6.18 6.96
CA CYS A 106 -7.58 -7.25 7.33
C CYS A 106 -7.55 -8.41 6.36
N MET A 107 -7.47 -8.13 5.07
CA MET A 107 -7.45 -9.21 4.07
C MET A 107 -6.08 -9.89 3.97
N LYS A 108 -5.07 -9.35 4.64
CA LYS A 108 -3.78 -10.00 4.70
CA LYS A 108 -3.77 -9.98 4.70
C LYS A 108 -3.69 -10.84 5.96
N TYR A 109 -4.02 -10.22 7.08
CA TYR A 109 -3.90 -10.91 8.36
C TYR A 109 -4.85 -12.10 8.48
N ASN A 110 -6.07 -11.95 7.96
CA ASN A 110 -7.07 -13.00 8.10
C ASN A 110 -7.24 -13.81 6.83
N ALA A 111 -7.36 -15.13 6.97
CA ALA A 111 -7.54 -15.98 5.81
C ALA A 111 -8.89 -15.71 5.16
N ARG A 112 -9.00 -16.16 3.92
CA ARG A 112 -10.15 -15.91 3.09
C ARG A 112 -11.50 -16.35 3.69
N ASP A 113 -11.56 -17.51 4.32
CA ASP A 113 -12.86 -18.03 4.74
C ASP A 113 -13.27 -17.64 6.18
N THR A 114 -12.70 -16.56 6.71
CA THR A 114 -13.04 -16.07 8.05
C THR A 114 -14.06 -14.94 7.99
N VAL A 115 -14.77 -14.74 9.09
CA VAL A 115 -15.73 -13.65 9.19
C VAL A 115 -15.06 -12.29 9.03
N PHE A 116 -13.81 -12.17 9.47
CA PHE A 116 -13.09 -10.89 9.36
C PHE A 116 -12.80 -10.50 7.90
N TYR A 117 -12.25 -11.44 7.14
CA TYR A 117 -11.93 -11.21 5.73
C TYR A 117 -13.18 -10.83 4.95
N ARG A 118 -14.26 -11.55 5.20
CA ARG A 118 -15.52 -11.32 4.49
C ARG A 118 -16.14 -9.97 4.85
N ALA A 119 -16.01 -9.56 6.10
CA ALA A 119 -16.46 -8.24 6.52
C ALA A 119 -15.65 -7.15 5.82
N ALA A 120 -14.36 -7.40 5.58
CA ALA A 120 -13.52 -6.43 4.87
C ALA A 120 -13.97 -6.27 3.41
N VAL A 121 -14.22 -7.40 2.76
CA VAL A 121 -14.71 -7.40 1.37
C VAL A 121 -16.00 -6.61 1.26
N ARG A 122 -16.92 -6.87 2.18
CA ARG A 122 -18.22 -6.20 2.16
C ARG A 122 -18.06 -4.69 2.38
N LEU A 123 -17.24 -4.32 3.34
CA LEU A 123 -16.97 -2.91 3.63
C LEU A 123 -16.29 -2.22 2.46
N ARG A 124 -15.43 -2.95 1.75
CA ARG A 124 -14.74 -2.41 0.59
CA ARG A 124 -14.75 -2.37 0.60
C ARG A 124 -15.74 -2.13 -0.54
N ASP A 125 -16.52 -3.14 -0.87
CA ASP A 125 -17.50 -3.00 -1.94
C ASP A 125 -18.54 -1.92 -1.63
N GLN A 126 -19.14 -1.96 -0.44
CA GLN A 126 -20.17 -0.99 -0.06
C GLN A 126 -19.63 0.44 0.14
N GLY A 127 -18.42 0.56 0.66
CA GLY A 127 -17.82 1.87 0.86
C GLY A 127 -17.45 2.51 -0.47
N GLY A 128 -17.32 1.69 -1.50
CA GLY A 128 -16.90 2.15 -2.82
C GLY A 128 -17.83 3.18 -3.42
N VAL A 129 -19.13 3.02 -3.16
CA VAL A 129 -20.13 3.94 -3.66
C VAL A 129 -19.97 5.30 -2.99
N VAL A 130 -19.87 5.27 -1.67
CA VAL A 130 -19.68 6.46 -0.87
C VAL A 130 -18.45 7.25 -1.32
N LEU A 131 -17.34 6.54 -1.56
CA LEU A 131 -16.09 7.19 -1.96
C LEU A 131 -16.15 7.72 -3.39
N ARG A 132 -17.03 7.17 -4.21
CA ARG A 132 -17.21 7.67 -5.56
C ARG A 132 -18.01 8.98 -5.52
N GLN A 133 -18.93 9.07 -4.59
CA GLN A 133 -19.68 10.28 -4.37
C GLN A 133 -18.77 11.38 -3.85
N ALA A 134 -18.04 11.07 -2.78
CA ALA A 134 -17.23 12.07 -2.09
C ALA A 134 -16.13 12.63 -2.97
N ARG A 135 -15.64 11.82 -3.91
CA ARG A 135 -14.58 12.28 -4.80
C ARG A 135 -15.13 13.36 -5.74
N ARG A 136 -16.32 13.12 -6.28
CA ARG A 136 -16.96 14.07 -7.17
C ARG A 136 -17.35 15.36 -6.44
N GLU A 137 -17.85 15.23 -5.21
CA GLU A 137 -18.31 16.39 -4.44
C GLU A 137 -17.17 17.28 -3.95
N VAL A 138 -16.03 16.68 -3.62
CA VAL A 138 -14.83 17.41 -3.23
C VAL A 138 -14.22 18.16 -4.43
N ASP A 139 -14.21 17.51 -5.59
CA ASP A 139 -13.80 18.13 -6.85
C ASP A 139 -14.66 19.34 -7.17
N SER A 140 -15.98 19.18 -7.00
CA SER A 140 -16.94 20.22 -7.33
C SER A 140 -16.73 21.45 -6.46
N ILE A 141 -16.94 21.31 -5.14
CA ILE A 141 -16.82 22.43 -4.22
C ILE A 141 -15.38 22.77 -3.86
N GLY A 142 -14.42 22.26 -4.62
CA GLY A 142 -13.02 22.52 -4.37
C GLY A 142 -12.55 22.00 -3.03
N SER B 22 22.67 19.99 -24.98
CA SER B 22 22.63 20.94 -23.89
C SER B 22 23.10 20.31 -22.58
N MET B 23 23.48 21.14 -21.60
CA MET B 23 23.88 20.64 -20.30
C MET B 23 22.69 19.97 -19.61
N GLU B 24 21.50 20.54 -19.79
CA GLU B 24 20.29 19.99 -19.18
C GLU B 24 20.01 18.56 -19.67
N GLN B 25 20.23 18.31 -20.96
CA GLN B 25 20.04 16.97 -21.51
C GLN B 25 21.03 15.99 -20.89
N VAL B 26 22.29 16.42 -20.81
CA VAL B 26 23.37 15.62 -20.24
C VAL B 26 23.05 15.19 -18.82
N ALA B 27 22.58 16.14 -18.02
CA ALA B 27 22.25 15.87 -16.62
C ALA B 27 21.07 14.92 -16.50
N MET B 28 20.06 15.13 -17.33
CA MET B 28 18.92 14.24 -17.32
C MET B 28 19.30 12.80 -17.70
N GLU B 29 20.16 12.64 -18.69
CA GLU B 29 20.56 11.31 -19.11
C GLU B 29 21.42 10.67 -18.02
N LEU B 30 22.31 11.46 -17.43
CA LEU B 30 23.15 10.96 -16.34
C LEU B 30 22.29 10.46 -15.19
N ARG B 31 21.29 11.26 -14.80
CA ARG B 31 20.39 10.86 -13.72
C ARG B 31 19.62 9.57 -14.07
N LEU B 32 19.18 9.46 -15.32
CA LEU B 32 18.49 8.26 -15.79
C LEU B 32 19.40 7.04 -15.70
N THR B 33 20.65 7.17 -16.12
CA THR B 33 21.50 6.00 -16.15
C THR B 33 21.92 5.60 -14.73
N GLU B 34 22.09 6.57 -13.83
CA GLU B 34 22.45 6.23 -12.46
C GLU B 34 21.32 5.51 -11.72
N LEU B 35 20.09 5.99 -11.90
CA LEU B 35 18.89 5.34 -11.37
C LEU B 35 18.75 3.88 -11.84
N THR B 36 18.94 3.67 -13.12
CA THR B 36 18.83 2.33 -13.65
C THR B 36 19.88 1.42 -13.01
N ARG B 37 21.09 1.95 -12.81
CA ARG B 37 22.18 1.21 -12.19
CA ARG B 37 22.18 1.20 -12.20
C ARG B 37 21.80 0.80 -10.77
N LEU B 38 21.30 1.76 -10.01
CA LEU B 38 20.86 1.54 -8.66
C LEU B 38 19.71 0.51 -8.58
N LEU B 39 18.68 0.68 -9.39
CA LEU B 39 17.54 -0.23 -9.36
C LEU B 39 17.99 -1.65 -9.75
N ARG B 40 18.87 -1.75 -10.73
CA ARG B 40 19.43 -3.05 -11.15
C ARG B 40 20.06 -3.80 -9.96
N SER B 41 20.88 -3.08 -9.21
CA SER B 41 21.56 -3.65 -8.06
C SER B 41 20.56 -3.99 -6.95
N VAL B 42 19.60 -3.09 -6.73
CA VAL B 42 18.56 -3.34 -5.74
C VAL B 42 17.78 -4.61 -6.09
N LEU B 43 17.39 -4.73 -7.35
CA LEU B 43 16.62 -5.87 -7.79
C LEU B 43 17.40 -7.18 -7.58
N ASP B 44 18.70 -7.17 -7.90
N ASP B 44 18.70 -7.21 -7.90
CA ASP B 44 19.52 -8.36 -7.74
CA ASP B 44 19.45 -8.45 -7.73
C ASP B 44 19.59 -8.75 -6.27
C ASP B 44 19.56 -8.78 -6.25
N GLN B 45 19.78 -7.75 -5.43
CA GLN B 45 19.81 -7.93 -3.97
C GLN B 45 18.51 -8.54 -3.46
N LEU B 46 17.38 -7.96 -3.86
CA LEU B 46 16.08 -8.49 -3.47
C LEU B 46 15.94 -9.96 -3.94
N GLN B 47 16.19 -10.23 -5.21
CA GLN B 47 16.03 -11.59 -5.76
C GLN B 47 17.02 -12.62 -5.20
N ASP B 48 18.22 -12.19 -4.82
CA ASP B 48 19.18 -13.09 -4.20
CA ASP B 48 19.18 -13.11 -4.22
C ASP B 48 18.65 -13.66 -2.88
N LYS B 49 17.70 -12.95 -2.30
CA LYS B 49 17.11 -13.37 -1.02
C LYS B 49 15.93 -14.31 -1.24
N ASP B 50 15.68 -14.68 -2.48
CA ASP B 50 14.61 -15.63 -2.80
C ASP B 50 15.16 -16.79 -3.62
N PRO B 51 16.05 -17.60 -3.04
CA PRO B 51 16.69 -18.66 -3.84
C PRO B 51 15.75 -19.83 -4.16
N ALA B 52 14.62 -19.91 -3.47
CA ALA B 52 13.62 -20.91 -3.79
C ALA B 52 12.75 -20.47 -4.98
N ARG B 53 13.04 -19.27 -5.51
CA ARG B 53 12.36 -18.75 -6.69
CA ARG B 53 12.35 -18.74 -6.69
C ARG B 53 10.84 -18.70 -6.52
N ILE B 54 10.39 -18.37 -5.32
CA ILE B 54 8.97 -18.26 -5.03
C ILE B 54 8.37 -17.03 -5.74
N PHE B 55 9.18 -16.00 -5.90
CA PHE B 55 8.67 -14.74 -6.45
C PHE B 55 9.30 -14.41 -7.80
N ALA B 56 9.92 -15.41 -8.42
CA ALA B 56 10.75 -15.17 -9.61
C ALA B 56 9.93 -14.95 -10.89
N GLN B 57 8.76 -15.59 -10.94
CA GLN B 57 7.96 -15.63 -12.16
C GLN B 57 6.49 -15.46 -11.76
N PRO B 58 5.63 -15.07 -12.71
CA PRO B 58 4.21 -14.98 -12.40
C PRO B 58 3.69 -16.27 -11.78
N VAL B 59 2.72 -16.15 -10.89
CA VAL B 59 2.02 -17.31 -10.32
C VAL B 59 1.27 -18.02 -11.46
N SER B 60 1.49 -19.33 -11.62
CA SER B 60 0.86 -20.05 -12.73
C SER B 60 -0.63 -20.26 -12.54
N LEU B 61 -1.42 -19.82 -13.51
CA LEU B 61 -2.86 -20.03 -13.41
C LEU B 61 -3.25 -21.49 -13.55
N LYS B 62 -2.39 -22.27 -14.21
CA LYS B 62 -2.63 -23.71 -14.30
C LYS B 62 -2.42 -24.33 -12.94
N GLU B 63 -1.43 -23.85 -12.20
CA GLU B 63 -1.14 -24.36 -10.86
C GLU B 63 -2.09 -23.76 -9.82
N VAL B 64 -2.45 -22.48 -9.99
CA VAL B 64 -3.36 -21.81 -9.05
C VAL B 64 -4.48 -21.13 -9.81
N PRO B 65 -5.51 -21.90 -10.20
CA PRO B 65 -6.58 -21.45 -11.10
C PRO B 65 -7.45 -20.33 -10.54
N ASP B 66 -7.52 -20.18 -9.22
CA ASP B 66 -8.37 -19.14 -8.65
C ASP B 66 -7.61 -17.84 -8.31
N TYR B 67 -6.33 -17.76 -8.66
CA TYR B 67 -5.45 -16.68 -8.19
C TYR B 67 -6.02 -15.29 -8.52
N LEU B 68 -6.48 -15.15 -9.75
CA LEU B 68 -6.95 -13.86 -10.25
C LEU B 68 -8.39 -13.58 -9.83
N ASP B 69 -9.04 -14.55 -9.18
CA ASP B 69 -10.30 -14.26 -8.49
C ASP B 69 -10.07 -13.32 -7.30
N HIS B 70 -8.84 -13.30 -6.77
CA HIS B 70 -8.58 -12.53 -5.56
C HIS B 70 -7.50 -11.49 -5.74
N ILE B 71 -6.59 -11.73 -6.69
CA ILE B 71 -5.46 -10.83 -6.88
C ILE B 71 -5.65 -10.01 -8.14
N LYS B 72 -5.88 -8.71 -7.99
CA LYS B 72 -6.19 -7.83 -9.12
C LYS B 72 -4.97 -7.43 -9.95
N HIS B 73 -3.82 -7.31 -9.32
CA HIS B 73 -2.62 -6.91 -10.04
C HIS B 73 -1.40 -7.78 -9.65
N PRO B 74 -1.24 -8.91 -10.34
CA PRO B 74 -0.13 -9.85 -10.12
C PRO B 74 1.22 -9.18 -10.33
N MET B 75 2.23 -9.61 -9.58
CA MET B 75 3.55 -9.05 -9.77
C MET B 75 4.57 -10.10 -9.34
N ASP B 76 5.78 -9.97 -9.86
CA ASP B 76 6.83 -10.97 -9.71
C ASP B 76 8.14 -10.36 -10.20
N PHE B 77 9.25 -10.98 -9.83
CA PHE B 77 10.55 -10.41 -10.13
C PHE B 77 10.86 -10.27 -11.62
N ALA B 78 10.44 -11.22 -12.43
CA ALA B 78 10.79 -11.15 -13.86
C ALA B 78 10.07 -9.97 -14.50
N THR B 79 8.83 -9.78 -14.09
CA THR B 79 8.01 -8.68 -14.59
C THR B 79 8.60 -7.33 -14.16
N MET B 80 9.22 -7.30 -12.99
CA MET B 80 9.88 -6.07 -12.56
C MET B 80 11.13 -5.82 -13.38
N ARG B 81 11.85 -6.90 -13.70
CA ARG B 81 13.11 -6.78 -14.41
C ARG B 81 12.85 -6.33 -15.84
N LYS B 82 11.76 -6.82 -16.41
CA LYS B 82 11.33 -6.40 -17.74
C LYS B 82 11.03 -4.90 -17.76
N ARG B 83 10.30 -4.43 -16.75
CA ARG B 83 9.96 -3.01 -16.70
C ARG B 83 11.20 -2.15 -16.45
N LEU B 84 12.08 -2.61 -15.56
CA LEU B 84 13.32 -1.91 -15.29
C LEU B 84 14.17 -1.74 -16.55
N GLU B 85 14.45 -2.84 -17.23
CA GLU B 85 15.31 -2.81 -18.41
C GLU B 85 14.70 -2.02 -19.58
N ALA B 86 13.39 -1.83 -19.54
CA ALA B 86 12.71 -1.10 -20.59
C ALA B 86 12.51 0.35 -20.22
N GLN B 87 13.21 0.80 -19.18
CA GLN B 87 13.19 2.19 -18.75
C GLN B 87 11.82 2.61 -18.22
N GLY B 88 11.09 1.66 -17.62
CA GLY B 88 9.75 1.92 -17.15
C GLY B 88 9.61 2.41 -15.70
N TYR B 89 10.72 2.48 -14.98
CA TYR B 89 10.66 3.05 -13.64
C TYR B 89 11.21 4.46 -13.66
N LYS B 90 10.34 5.42 -13.31
CA LYS B 90 10.73 6.83 -13.34
C LYS B 90 11.51 7.22 -12.09
N ASN B 91 11.31 6.45 -11.02
CA ASN B 91 11.90 6.75 -9.71
C ASN B 91 11.90 5.51 -8.81
N LEU B 92 12.57 5.62 -7.67
CA LEU B 92 12.61 4.52 -6.70
C LEU B 92 11.23 4.12 -6.20
N HIS B 93 10.36 5.11 -6.02
CA HIS B 93 9.03 4.86 -5.47
C HIS B 93 8.17 3.92 -6.33
N GLU B 94 8.17 4.14 -7.63
CA GLU B 94 7.46 3.27 -8.55
C GLU B 94 7.96 1.82 -8.43
N PHE B 95 9.27 1.67 -8.32
CA PHE B 95 9.92 0.38 -8.09
C PHE B 95 9.42 -0.25 -6.78
N GLU B 96 9.46 0.50 -5.68
CA GLU B 96 9.02 -0.01 -4.39
CA GLU B 96 9.04 -0.02 -4.39
C GLU B 96 7.59 -0.50 -4.44
N GLU B 97 6.74 0.22 -5.15
CA GLU B 97 5.35 -0.15 -5.27
C GLU B 97 5.19 -1.50 -5.95
N ASP B 98 6.02 -1.80 -6.95
CA ASP B 98 5.92 -3.12 -7.56
C ASP B 98 6.37 -4.17 -6.54
N PHE B 99 7.41 -3.87 -5.77
CA PHE B 99 7.86 -4.81 -4.74
C PHE B 99 6.78 -5.07 -3.68
N ASP B 100 6.16 -4.00 -3.17
CA ASP B 100 5.05 -4.12 -2.24
C ASP B 100 3.93 -4.97 -2.81
N LEU B 101 3.71 -4.87 -4.12
CA LEU B 101 2.68 -5.65 -4.77
C LEU B 101 2.98 -7.14 -4.60
N ILE B 102 4.22 -7.52 -4.93
CA ILE B 102 4.68 -8.89 -4.74
C ILE B 102 4.39 -9.38 -3.31
N ILE B 103 4.79 -8.59 -2.32
CA ILE B 103 4.59 -8.92 -0.92
C ILE B 103 3.10 -8.97 -0.53
N ASP B 104 2.36 -7.90 -0.84
CA ASP B 104 0.96 -7.80 -0.41
C ASP B 104 0.10 -8.90 -1.04
N ASN B 105 0.26 -9.15 -2.34
CA ASN B 105 -0.46 -10.22 -3.03
C ASN B 105 -0.27 -11.57 -2.36
N CYS B 106 0.99 -11.91 -2.07
CA CYS B 106 1.31 -13.16 -1.41
C CYS B 106 0.65 -13.23 -0.02
N MET B 107 0.86 -12.19 0.79
CA MET B 107 0.26 -12.14 2.12
C MET B 107 -1.28 -12.12 2.04
N LYS B 108 -1.82 -11.56 0.97
CA LYS B 108 -3.28 -11.54 0.81
CA LYS B 108 -3.28 -11.54 0.82
C LYS B 108 -3.81 -12.89 0.38
N TYR B 109 -3.15 -13.52 -0.58
CA TYR B 109 -3.65 -14.80 -1.10
C TYR B 109 -3.43 -15.98 -0.14
N ASN B 110 -2.33 -15.99 0.61
CA ASN B 110 -2.03 -17.14 1.44
C ASN B 110 -2.40 -16.95 2.92
N ALA B 111 -2.72 -18.05 3.60
CA ALA B 111 -3.02 -18.00 5.03
C ALA B 111 -1.71 -17.79 5.76
N ARG B 112 -1.74 -17.14 6.92
CA ARG B 112 -0.48 -16.76 7.52
C ARG B 112 0.33 -17.94 8.04
N ASP B 113 -0.35 -19.04 8.33
CA ASP B 113 0.35 -20.22 8.82
C ASP B 113 0.76 -21.11 7.65
N THR B 114 1.42 -20.53 6.66
CA THR B 114 1.91 -21.22 5.47
C THR B 114 3.31 -20.75 5.13
N VAL B 115 4.02 -21.55 4.34
CA VAL B 115 5.41 -21.24 4.01
C VAL B 115 5.48 -20.00 3.12
N PHE B 116 4.54 -19.87 2.19
CA PHE B 116 4.57 -18.76 1.26
C PHE B 116 4.31 -17.44 1.96
N TYR B 117 3.37 -17.44 2.90
CA TYR B 117 3.10 -16.24 3.67
C TYR B 117 4.35 -15.87 4.47
N ARG B 118 4.93 -16.85 5.15
CA ARG B 118 6.10 -16.59 5.97
C ARG B 118 7.28 -16.13 5.10
N ALA B 119 7.46 -16.71 3.92
CA ALA B 119 8.46 -16.23 2.97
C ALA B 119 8.25 -14.75 2.61
N ALA B 120 6.99 -14.36 2.39
CA ALA B 120 6.68 -12.94 2.05
C ALA B 120 7.07 -11.99 3.16
N VAL B 121 6.79 -12.40 4.39
CA VAL B 121 7.11 -11.58 5.56
C VAL B 121 8.62 -11.48 5.72
N ARG B 122 9.32 -12.60 5.53
CA ARG B 122 10.78 -12.60 5.58
C ARG B 122 11.37 -11.68 4.50
N LEU B 123 10.91 -11.83 3.26
CA LEU B 123 11.39 -10.98 2.18
C LEU B 123 11.03 -9.52 2.41
N ARG B 124 9.82 -9.25 2.91
CA ARG B 124 9.43 -7.89 3.25
C ARG B 124 10.37 -7.23 4.26
N ASP B 125 10.73 -7.94 5.32
CA ASP B 125 11.66 -7.37 6.31
C ASP B 125 13.02 -7.11 5.68
N GLN B 126 13.57 -8.14 5.05
CA GLN B 126 14.89 -8.04 4.43
C GLN B 126 14.91 -6.98 3.32
N GLY B 127 13.78 -6.81 2.63
CA GLY B 127 13.68 -5.85 1.55
C GLY B 127 13.56 -4.42 2.03
N GLY B 128 12.89 -4.23 3.17
CA GLY B 128 12.82 -2.92 3.80
C GLY B 128 14.19 -2.33 4.05
N VAL B 129 15.14 -3.19 4.43
CA VAL B 129 16.50 -2.73 4.69
C VAL B 129 17.24 -2.41 3.40
N VAL B 130 17.05 -3.23 2.38
CA VAL B 130 17.68 -2.95 1.09
C VAL B 130 17.13 -1.65 0.53
N LEU B 131 15.82 -1.44 0.68
CA LEU B 131 15.17 -0.30 0.05
C LEU B 131 15.43 0.99 0.84
N ARG B 132 15.62 0.90 2.15
CA ARG B 132 15.94 2.11 2.90
C ARG B 132 17.34 2.54 2.51
N GLN B 133 18.21 1.56 2.30
CA GLN B 133 19.57 1.84 1.86
C GLN B 133 19.55 2.40 0.43
N ALA B 134 18.55 1.98 -0.36
CA ALA B 134 18.41 2.48 -1.71
C ALA B 134 17.99 3.95 -1.68
N ARG B 135 17.12 4.29 -0.72
CA ARG B 135 16.63 5.65 -0.58
C ARG B 135 17.79 6.58 -0.18
N ARG B 136 18.68 6.08 0.68
CA ARG B 136 19.87 6.84 1.05
C ARG B 136 20.74 7.15 -0.18
N GLU B 137 20.87 6.18 -1.07
CA GLU B 137 21.72 6.32 -2.24
C GLU B 137 21.12 7.33 -3.20
N VAL B 138 19.80 7.31 -3.27
CA VAL B 138 19.06 8.20 -4.16
C VAL B 138 19.34 9.64 -3.74
N ASP B 139 19.39 9.88 -2.44
CA ASP B 139 19.61 11.22 -1.93
C ASP B 139 21.07 11.65 -2.11
N SER B 140 21.97 10.70 -1.89
CA SER B 140 23.41 10.92 -2.07
C SER B 140 23.79 11.16 -3.53
N ILE B 141 23.26 10.36 -4.45
CA ILE B 141 23.59 10.48 -5.86
C ILE B 141 22.84 11.68 -6.50
N GLY B 142 21.69 12.02 -5.91
CA GLY B 142 20.90 13.16 -6.35
C GLY B 142 19.92 12.86 -7.48
N LEU B 143 19.30 11.68 -7.42
CA LEU B 143 18.38 11.23 -8.46
C LEU B 143 17.01 11.93 -8.38
N GLU B 144 16.64 12.40 -7.18
CA GLU B 144 15.49 13.29 -7.06
C GLU B 144 15.90 14.67 -6.56
C1 EDO C . -7.29 -9.35 14.21
O1 EDO C . -7.39 -8.81 12.88
C2 EDO C . -8.38 -10.39 14.44
O2 EDO C . -8.19 -11.48 13.52
C1 EDO D . -10.23 -7.49 12.05
O1 EDO D . -10.36 -7.94 13.40
C2 EDO D . -9.69 -6.07 12.01
O2 EDO D . -9.32 -5.75 10.67
N1 8RY E . -9.83 -7.14 12.99
N3 8RY E . -8.29 -10.32 14.01
C4 8RY E . -9.57 -9.74 16.32
C5 8RY E . -8.87 -10.91 16.21
C6 8RY E . -8.23 -11.19 15.03
C1 8RY E . -9.89 -6.25 11.83
C2 8RY E . -9.02 -8.21 12.96
C3 8RY E . -8.97 -9.18 14.13
N2 8RY E . -9.61 -8.90 15.27
O1 8RY E . -8.33 -8.37 11.97
NA NA F . -3.19 -13.94 4.44
C1 EDO G . 2.39 -17.09 -3.44
O1 EDO G . 1.13 -17.42 -4.05
C2 EDO G . 3.53 -17.28 -4.44
O2 EDO G . 4.19 -16.03 -4.66
C1 EDO H . 12.62 3.12 -0.27
O1 EDO H . 11.69 2.91 -1.32
C2 EDO H . 11.91 3.51 1.03
O2 EDO H . 12.87 3.75 2.06
N1 8RY I . 3.08 -17.66 -5.12
N3 8RY I . 2.10 -20.26 -5.57
C4 8RY I . 0.09 -21.21 -4.04
C5 8RY I . 0.72 -22.04 -4.93
C6 8RY I . 1.74 -21.53 -5.70
C1 8RY I . 3.72 -16.39 -4.84
C2 8RY I . 1.93 -18.02 -4.55
C3 8RY I . 1.47 -19.46 -4.71
N2 8RY I . 0.48 -19.93 -3.95
O1 8RY I . 1.29 -17.21 -3.88
#